data_5NQI
#
_entry.id   5NQI
#
_cell.length_a   29.510
_cell.length_b   29.510
_cell.length_c   76.800
_cell.angle_alpha   90.00
_cell.angle_beta   90.00
_cell.angle_gamma   90.00
#
_symmetry.space_group_name_H-M   'P 43'
#
loop_
_entity.id
_entity.type
_entity.pdbx_description
1 polymer 'E.Coli 27-mer SRL RNA'
2 water water
#
_entity_poly.entity_id   1
_entity_poly.type   'polyribonucleotide'
_entity_poly.pdbx_seq_one_letter_code
;UGCU(5HM)CUAGUACGAGAGGACCGGAGUG
;
_entity_poly.pdbx_strand_id   A
#